data_5MW5
#
_entry.id   5MW5
#
_cell.length_a   48.266
_cell.length_b   83.878
_cell.length_c   99.352
_cell.angle_alpha   90.00
_cell.angle_beta   90.00
_cell.angle_gamma   90.00
#
_symmetry.space_group_name_H-M   'P 21 21 21'
#
loop_
_entity.id
_entity.type
_entity.pdbx_description
1 polymer 'Protein jagged-2'
2 non-polymer 2-acetamido-2-deoxy-beta-D-glucopyranose
3 non-polymer 'CALCIUM ION'
4 water water
#
_entity_poly.entity_id   1
_entity_poly.type   'polypeptide(L)'
_entity_poly.pdbx_seq_one_letter_code
;MGYFELQLSALRNVNGELLSGACCDGDGRTTRAGGCGHDECDTYVRVCLKEYQAKVTPTGPCSYGHGATPVLGGNSFYLP
PAGAAGDRARARARAGGDQDPGLVVIPFQFAWPRSFTLIVEAWDWDNDTTPNEELLIERVSHAGMINPEDRWKSLHFSGH
VAHLELQIRVRCDENYYSATCNKFCRPRNDFFGHYTCDQYGNKACMDGWMGKECKEAVCKQGCNLLHGGCTVPGECRCSY
GWQGRFCDECVPYPGCVHGSCVEPWQCNCETNWGGLLCDKDLNGSHHHHHHHH
;
_entity_poly.pdbx_strand_id   A
#
loop_
_chem_comp.id
_chem_comp.type
_chem_comp.name
_chem_comp.formula
CA non-polymer 'CALCIUM ION' 'Ca 2'
NAG D-saccharide, beta linking 2-acetamido-2-deoxy-beta-D-glucopyranose 'C8 H15 N O6'
#
# COMPACT_ATOMS: atom_id res chain seq x y z
N MET A 1 3.90 -0.49 3.43
CA MET A 1 4.60 0.75 3.75
C MET A 1 3.60 1.88 3.99
N GLY A 2 3.66 2.48 5.18
CA GLY A 2 2.76 3.55 5.53
C GLY A 2 3.29 4.33 6.71
N TYR A 3 2.46 5.24 7.21
CA TYR A 3 2.88 6.07 8.34
C TYR A 3 1.68 6.34 9.25
N PHE A 4 1.98 6.46 10.55
CA PHE A 4 0.99 6.76 11.58
C PHE A 4 1.17 8.21 12.00
N GLU A 5 0.08 8.97 11.97
CA GLU A 5 0.10 10.40 12.30
C GLU A 5 -0.71 10.67 13.55
N LEU A 6 -0.19 11.56 14.39
CA LEU A 6 -0.92 12.05 15.56
C LEU A 6 -0.84 13.57 15.57
N GLN A 7 -1.99 14.22 15.71
CA GLN A 7 -2.10 15.68 15.69
C GLN A 7 -2.56 16.15 17.06
N LEU A 8 -1.65 16.72 17.83
CA LEU A 8 -1.97 17.23 19.17
C LEU A 8 -2.66 18.58 19.05
N SER A 9 -3.83 18.70 19.68
CA SER A 9 -4.62 19.93 19.60
C SER A 9 -4.71 20.70 20.90
N ALA A 10 -4.65 20.04 22.07
CA ALA A 10 -4.81 20.76 23.33
C ALA A 10 -4.18 19.96 24.46
N LEU A 11 -3.78 20.69 25.51
CA LEU A 11 -3.17 20.11 26.70
C LEU A 11 -3.28 21.12 27.83
N ARG A 12 -3.71 20.66 29.01
CA ARG A 12 -3.84 21.53 30.19
C ARG A 12 -3.11 20.90 31.37
N ASN A 13 -2.21 21.66 31.98
CA ASN A 13 -1.66 21.34 33.30
C ASN A 13 -1.84 22.61 34.12
N VAL A 14 -3.04 22.77 34.69
CA VAL A 14 -3.39 24.02 35.36
C VAL A 14 -2.45 24.30 36.52
N ASN A 15 -2.13 23.28 37.32
CA ASN A 15 -1.29 23.47 38.49
C ASN A 15 0.18 23.61 38.17
N GLY A 16 0.59 23.39 36.93
CA GLY A 16 2.01 23.36 36.60
C GLY A 16 2.73 22.20 37.25
N GLU A 17 2.09 21.04 37.31
CA GLU A 17 2.52 19.91 38.13
C GLU A 17 3.02 18.77 37.24
N LEU A 18 4.00 18.03 37.74
CA LEU A 18 4.40 16.78 37.12
C LEU A 18 3.67 15.62 37.81
N LEU A 19 3.83 14.42 37.26
CA LEU A 19 3.13 13.27 37.82
C LEU A 19 3.62 12.92 39.22
N SER A 20 4.89 13.19 39.52
CA SER A 20 5.47 12.79 40.80
C SER A 20 5.02 13.68 41.96
N GLY A 21 4.31 14.77 41.68
CA GLY A 21 3.88 15.67 42.74
C GLY A 21 4.82 16.80 43.06
N ALA A 22 5.61 17.24 42.09
CA ALA A 22 6.48 18.39 42.26
C ALA A 22 6.16 19.43 41.18
N CYS A 23 6.61 20.65 41.41
CA CYS A 23 6.51 21.67 40.39
C CYS A 23 7.57 21.44 39.32
N CYS A 24 7.25 21.83 38.09
CA CYS A 24 8.16 21.59 36.97
C CYS A 24 9.49 22.30 37.17
N ASP A 25 9.46 23.61 37.32
CA ASP A 25 10.67 24.40 37.49
C ASP A 25 10.58 25.30 38.71
N GLY A 34 -0.95 28.99 46.83
CA GLY A 34 0.37 29.48 46.47
C GLY A 34 0.77 29.17 45.05
N GLY A 35 0.18 28.12 44.49
CA GLY A 35 0.50 27.72 43.13
C GLY A 35 1.86 27.04 43.03
N CYS A 36 2.31 26.88 41.79
CA CYS A 36 3.63 26.32 41.50
C CYS A 36 4.62 27.37 41.02
N GLY A 37 4.23 28.64 40.97
CA GLY A 37 5.16 29.69 40.56
C GLY A 37 4.91 30.20 39.16
N HIS A 38 5.95 30.74 38.53
CA HIS A 38 5.84 31.32 37.19
C HIS A 38 6.77 30.71 36.16
N ASP A 39 7.87 30.06 36.55
CA ASP A 39 8.71 29.32 35.62
C ASP A 39 7.94 28.07 35.21
N GLU A 40 7.31 28.12 34.03
CA GLU A 40 6.33 27.11 33.65
C GLU A 40 7.01 25.81 33.22
N CYS A 41 6.18 24.80 33.02
CA CYS A 41 6.64 23.56 32.40
C CYS A 41 6.99 23.82 30.94
N ASP A 42 8.13 23.31 30.51
CA ASP A 42 8.55 23.42 29.11
C ASP A 42 8.17 22.11 28.44
N THR A 43 6.94 22.07 27.92
CA THR A 43 6.26 20.82 27.63
C THR A 43 6.56 20.32 26.22
N TYR A 44 6.95 19.05 26.12
CA TYR A 44 7.01 18.34 24.86
C TYR A 44 6.39 16.96 25.05
N VAL A 45 6.09 16.30 23.93
CA VAL A 45 5.28 15.10 23.92
C VAL A 45 6.04 13.96 23.25
N ARG A 46 5.96 12.77 23.83
CA ARG A 46 6.45 11.55 23.19
C ARG A 46 5.27 10.66 22.83
N VAL A 47 5.44 9.90 21.75
CA VAL A 47 4.42 8.99 21.27
C VAL A 47 5.05 7.61 21.15
N CYS A 48 4.54 6.65 21.93
CA CYS A 48 4.99 5.26 21.84
C CYS A 48 3.91 4.44 21.18
N LEU A 49 4.29 3.67 20.17
CA LEU A 49 3.37 2.79 19.44
C LEU A 49 3.86 1.37 19.60
N LYS A 50 3.01 0.50 20.12
CA LYS A 50 3.41 -0.88 20.39
C LYS A 50 2.21 -1.80 20.19
N GLU A 51 2.43 -3.08 20.43
CA GLU A 51 1.43 -4.10 20.16
C GLU A 51 0.20 -3.93 21.07
N TYR A 52 -0.91 -4.50 20.62
CA TYR A 52 -2.15 -4.41 21.39
C TYR A 52 -2.00 -5.12 22.74
N GLN A 53 -2.63 -4.54 23.76
CA GLN A 53 -2.55 -5.06 25.11
C GLN A 53 -3.94 -5.04 25.73
N ALA A 54 -4.35 -6.17 26.31
CA ALA A 54 -5.59 -6.20 27.09
C ALA A 54 -5.49 -5.27 28.28
N LYS A 55 -4.49 -5.49 29.13
CA LYS A 55 -4.11 -4.54 30.17
C LYS A 55 -2.93 -3.73 29.66
N VAL A 56 -3.07 -2.41 29.63
CA VAL A 56 -2.03 -1.54 29.09
C VAL A 56 -1.05 -1.22 30.19
N THR A 57 0.21 -1.58 29.98
CA THR A 57 1.32 -1.35 30.88
C THR A 57 2.10 -0.11 30.46
N PRO A 58 2.59 0.67 31.43
CA PRO A 58 3.45 1.81 31.06
C PRO A 58 4.79 1.38 30.48
N THR A 59 5.34 0.27 30.96
CA THR A 59 6.63 -0.22 30.49
C THR A 59 6.47 -0.95 29.16
N GLY A 60 7.58 -1.44 28.62
CA GLY A 60 7.58 -2.16 27.38
C GLY A 60 8.13 -1.36 26.23
N PRO A 61 8.77 -2.04 25.28
CA PRO A 61 9.36 -1.33 24.14
C PRO A 61 8.30 -0.90 23.14
N CYS A 62 8.61 0.16 22.40
CA CYS A 62 7.74 0.65 21.33
C CYS A 62 8.08 -0.11 20.05
N SER A 63 7.60 -1.37 20.02
CA SER A 63 7.94 -2.30 18.94
C SER A 63 7.39 -1.87 17.59
N TYR A 64 6.46 -0.92 17.55
CA TYR A 64 5.91 -0.43 16.30
C TYR A 64 6.51 0.90 15.86
N GLY A 65 7.25 1.58 16.73
CA GLY A 65 7.81 2.88 16.42
C GLY A 65 7.47 3.91 17.50
N HIS A 66 8.19 5.01 17.43
CA HIS A 66 8.04 6.08 18.41
C HIS A 66 8.34 7.42 17.75
N GLY A 67 7.95 8.49 18.44
CA GLY A 67 8.20 9.83 17.96
C GLY A 67 8.18 10.80 19.11
N ALA A 68 8.44 12.07 18.78
CA ALA A 68 8.43 13.13 19.77
C ALA A 68 8.22 14.46 19.07
N THR A 69 7.82 15.44 19.85
CA THR A 69 7.68 16.82 19.39
C THR A 69 8.78 17.68 19.99
N PRO A 70 9.05 18.84 19.41
CA PRO A 70 9.80 19.86 20.14
C PRO A 70 8.95 20.41 21.27
N VAL A 71 9.56 21.26 22.09
CA VAL A 71 8.79 21.95 23.12
C VAL A 71 7.78 22.84 22.43
N LEU A 72 6.53 22.79 22.91
CA LEU A 72 5.43 23.48 22.25
C LEU A 72 4.86 24.65 23.04
N GLY A 73 4.87 24.58 24.37
CA GLY A 73 4.32 25.66 25.15
C GLY A 73 4.59 25.48 26.62
N GLY A 74 3.87 26.26 27.43
CA GLY A 74 4.06 26.27 28.86
C GLY A 74 3.22 25.25 29.59
N ASN A 75 2.12 25.72 30.21
CA ASN A 75 1.22 24.84 30.95
C ASN A 75 0.00 24.42 30.14
N SER A 76 -0.52 25.28 29.28
CA SER A 76 -1.73 24.99 28.53
C SER A 76 -1.73 25.75 27.22
N PHE A 77 -2.22 25.10 26.15
CA PHE A 77 -2.15 25.67 24.82
C PHE A 77 -3.03 24.87 23.86
N TYR A 78 -3.35 25.48 22.73
CA TYR A 78 -3.75 24.74 21.53
C TYR A 78 -2.71 24.93 20.45
N LEU A 79 -2.80 24.07 19.44
CA LEU A 79 -2.13 24.26 18.16
C LEU A 79 -3.20 24.18 17.08
N PRO A 80 -3.05 24.94 15.98
CA PRO A 80 -1.92 25.83 15.67
C PRO A 80 -1.97 27.15 16.43
N ASP A 98 7.61 24.62 6.20
CA ASP A 98 6.35 23.88 6.17
C ASP A 98 6.49 22.57 6.93
N GLN A 99 6.77 22.68 8.22
CA GLN A 99 6.98 21.51 9.09
C GLN A 99 6.22 21.75 10.38
N ASP A 100 5.21 20.91 10.63
CA ASP A 100 4.30 21.12 11.75
C ASP A 100 4.89 20.56 13.04
N PRO A 101 5.16 21.39 14.04
CA PRO A 101 5.73 20.86 15.30
C PRO A 101 4.74 20.05 16.13
N GLY A 102 3.44 20.20 15.91
CA GLY A 102 2.45 19.51 16.72
C GLY A 102 1.94 18.23 16.09
N LEU A 103 2.69 17.70 15.12
CA LEU A 103 2.31 16.50 14.40
C LEU A 103 3.45 15.50 14.49
N VAL A 104 3.14 14.29 14.95
CA VAL A 104 4.10 13.21 15.05
C VAL A 104 3.78 12.18 13.98
N VAL A 105 4.75 11.90 13.11
CA VAL A 105 4.60 10.94 12.03
C VAL A 105 5.55 9.78 12.30
N ILE A 106 5.01 8.57 12.36
CA ILE A 106 5.77 7.36 12.63
C ILE A 106 5.64 6.44 11.43
N PRO A 107 6.62 6.43 10.53
CA PRO A 107 6.56 5.53 9.37
C PRO A 107 6.83 4.09 9.77
N PHE A 108 6.30 3.17 8.97
CA PHE A 108 6.50 1.75 9.22
C PHE A 108 6.55 1.00 7.89
N GLN A 109 7.27 -0.12 7.89
CA GLN A 109 7.43 -0.97 6.72
C GLN A 109 6.55 -2.22 6.77
N PHE A 110 6.40 -2.81 7.95
CA PHE A 110 5.62 -4.02 8.12
C PHE A 110 4.15 -3.78 7.79
N ALA A 111 3.40 -4.87 7.70
CA ALA A 111 1.96 -4.77 7.51
C ALA A 111 1.33 -4.17 8.76
N TRP A 112 0.40 -3.24 8.57
CA TRP A 112 -0.28 -2.63 9.71
C TRP A 112 -1.16 -3.67 10.37
N PRO A 113 -1.01 -3.91 11.68
CA PRO A 113 -1.76 -4.99 12.34
C PRO A 113 -3.15 -4.59 12.79
N ARG A 114 -3.59 -3.36 12.50
CA ARG A 114 -4.90 -2.83 12.85
C ARG A 114 -5.03 -2.55 14.35
N SER A 115 -4.86 -3.57 15.19
CA SER A 115 -4.92 -3.38 16.63
C SER A 115 -3.56 -2.94 17.15
N PHE A 116 -3.56 -2.08 18.16
CA PHE A 116 -2.34 -1.43 18.62
C PHE A 116 -2.57 -0.84 20.00
N THR A 117 -1.47 -0.48 20.65
CA THR A 117 -1.49 0.27 21.90
C THR A 117 -0.77 1.60 21.69
N LEU A 118 -1.45 2.70 21.99
CA LEU A 118 -0.90 4.04 21.86
C LEU A 118 -0.58 4.57 23.25
N ILE A 119 0.68 4.95 23.47
CA ILE A 119 1.12 5.54 24.73
C ILE A 119 1.65 6.94 24.41
N VAL A 120 1.04 7.95 25.04
CA VAL A 120 1.41 9.35 24.84
C VAL A 120 1.83 9.92 26.18
N GLU A 121 3.01 10.53 26.21
CA GLU A 121 3.59 11.08 27.44
C GLU A 121 3.94 12.55 27.25
N ALA A 122 3.72 13.33 28.30
CA ALA A 122 4.14 14.73 28.34
C ALA A 122 5.35 14.87 29.26
N TRP A 123 6.23 15.81 28.93
CA TRP A 123 7.48 15.97 29.65
C TRP A 123 7.84 17.44 29.78
N ASP A 124 8.45 17.78 30.91
CA ASP A 124 9.12 19.08 31.07
C ASP A 124 10.58 18.93 30.68
N TRP A 125 11.03 19.79 29.77
CA TRP A 125 12.43 19.87 29.39
C TRP A 125 13.13 20.85 30.32
N ASP A 126 14.41 20.56 30.63
CA ASP A 126 15.07 21.24 31.73
C ASP A 126 16.47 21.77 31.46
N ASN A 127 16.95 21.70 30.21
CA ASN A 127 18.31 22.13 29.87
C ASN A 127 19.35 21.37 30.71
N ASP A 128 19.41 20.07 30.44
CA ASP A 128 20.35 19.19 31.14
C ASP A 128 20.59 17.98 30.25
N THR A 129 21.85 17.76 29.88
CA THR A 129 22.18 16.66 28.97
C THR A 129 21.87 15.29 29.57
N THR A 130 21.55 15.22 30.87
CA THR A 130 21.13 14.07 31.68
C THR A 130 19.72 13.62 31.30
N PRO A 131 19.44 12.17 31.23
CA PRO A 131 18.05 11.66 31.09
C PRO A 131 17.34 11.46 32.44
N ASN A 132 16.83 12.56 32.98
CA ASN A 132 16.11 12.58 34.25
C ASN A 132 14.67 12.14 33.99
N GLU A 133 14.33 10.92 34.40
CA GLU A 133 12.99 10.40 34.14
C GLU A 133 11.94 11.11 35.00
N GLU A 134 12.32 11.60 36.18
CA GLU A 134 11.39 12.19 37.13
C GLU A 134 10.64 13.38 36.54
N LEU A 135 11.07 13.85 35.38
CA LEU A 135 10.48 15.00 34.72
C LEU A 135 9.26 14.64 33.88
N LEU A 136 8.54 13.57 34.21
CA LEU A 136 7.35 13.20 33.45
C LEU A 136 6.13 13.95 33.97
N ILE A 137 5.36 14.51 33.04
CA ILE A 137 4.17 15.29 33.39
C ILE A 137 2.95 14.39 33.47
N GLU A 138 2.65 13.69 32.37
CA GLU A 138 1.45 12.88 32.28
C GLU A 138 1.70 11.73 31.32
N ARG A 139 1.06 10.60 31.59
CA ARG A 139 1.06 9.46 30.69
C ARG A 139 -0.38 9.01 30.47
N VAL A 140 -0.78 8.86 29.21
CA VAL A 140 -2.09 8.35 28.84
C VAL A 140 -1.90 7.20 27.87
N SER A 141 -2.96 6.41 27.70
CA SER A 141 -2.87 5.22 26.87
C SER A 141 -4.24 4.93 26.26
N HIS A 142 -4.22 4.15 25.19
CA HIS A 142 -5.43 3.75 24.48
C HIS A 142 -5.13 2.55 23.62
N ALA A 143 -5.78 1.43 23.91
CA ALA A 143 -5.71 0.24 23.07
C ALA A 143 -6.97 0.15 22.22
N GLY A 144 -6.79 0.01 20.91
CA GLY A 144 -7.93 -0.03 20.03
C GLY A 144 -7.56 -0.52 18.65
N MET A 145 -8.43 -0.23 17.69
CA MET A 145 -8.27 -0.66 16.31
C MET A 145 -8.49 0.51 15.37
N ILE A 146 -7.62 0.64 14.37
CA ILE A 146 -7.72 1.71 13.39
C ILE A 146 -7.30 1.17 12.03
N ASN A 147 -8.04 1.56 10.99
CA ASN A 147 -7.78 1.19 9.60
C ASN A 147 -7.40 2.43 8.80
N PRO A 148 -6.62 2.27 7.73
CA PRO A 148 -6.32 3.42 6.87
C PRO A 148 -7.56 4.02 6.22
N GLU A 149 -8.61 3.23 6.02
CA GLU A 149 -9.82 3.73 5.37
C GLU A 149 -10.43 4.87 6.16
N ASP A 150 -10.51 4.73 7.48
CA ASP A 150 -11.01 5.80 8.32
C ASP A 150 -10.11 7.03 8.22
N ARG A 151 -10.66 8.18 8.62
CA ARG A 151 -9.85 9.39 8.71
C ARG A 151 -9.52 9.67 10.17
N TRP A 152 -9.43 10.95 10.54
CA TRP A 152 -9.01 11.31 11.87
C TRP A 152 -10.03 10.89 12.92
N LYS A 153 -9.62 10.00 13.81
CA LYS A 153 -10.37 9.69 15.03
C LYS A 153 -9.95 10.65 16.13
N SER A 154 -10.93 11.28 16.77
CA SER A 154 -10.65 12.17 17.89
C SER A 154 -10.57 11.36 19.18
N LEU A 155 -9.55 11.65 19.99
CA LEU A 155 -9.34 10.97 21.27
C LEU A 155 -9.21 12.01 22.36
N HIS A 156 -9.93 11.79 23.46
CA HIS A 156 -9.91 12.67 24.63
C HIS A 156 -9.37 11.88 25.81
N PHE A 157 -8.43 12.47 26.54
CA PHE A 157 -7.81 11.81 27.67
C PHE A 157 -7.80 12.75 28.88
N SER A 158 -8.01 12.17 30.06
CA SER A 158 -7.93 12.90 31.32
C SER A 158 -7.10 12.06 32.28
N GLY A 159 -6.02 12.64 32.81
CA GLY A 159 -5.20 12.01 33.80
C GLY A 159 -5.33 12.68 35.16
N HIS A 160 -4.47 12.24 36.08
CA HIS A 160 -4.39 12.89 37.38
C HIS A 160 -3.95 14.35 37.26
N VAL A 161 -3.30 14.71 36.17
CA VAL A 161 -2.66 16.01 36.03
C VAL A 161 -3.21 16.77 34.84
N ALA A 162 -3.14 16.16 33.66
CA ALA A 162 -3.36 16.85 32.41
C ALA A 162 -4.59 16.31 31.68
N HIS A 163 -5.08 17.12 30.74
CA HIS A 163 -6.18 16.76 29.86
C HIS A 163 -5.74 16.97 28.43
N LEU A 164 -5.68 15.89 27.65
CA LEU A 164 -5.19 15.94 26.28
C LEU A 164 -6.33 15.80 25.28
N GLU A 165 -6.14 16.38 24.10
CA GLU A 165 -7.03 16.21 22.97
C GLU A 165 -6.17 16.06 21.72
N LEU A 166 -6.46 15.04 20.91
CA LEU A 166 -5.61 14.72 19.78
C LEU A 166 -6.34 13.83 18.80
N GLN A 167 -5.97 13.92 17.54
CA GLN A 167 -6.45 13.05 16.49
C GLN A 167 -5.34 12.11 16.06
N ILE A 168 -5.72 10.92 15.57
CA ILE A 168 -4.76 9.97 15.02
C ILE A 168 -5.27 9.47 13.68
N ARG A 169 -4.34 8.98 12.87
CA ARG A 169 -4.64 8.54 11.51
C ARG A 169 -3.57 7.57 11.07
N VAL A 170 -3.97 6.62 10.22
CA VAL A 170 -3.05 5.73 9.52
C VAL A 170 -3.24 5.93 8.03
N ARG A 171 -2.14 6.13 7.32
CA ARG A 171 -2.15 6.34 5.88
C ARG A 171 -1.14 5.43 5.21
N CYS A 172 -1.49 4.97 4.01
CA CYS A 172 -0.54 4.23 3.19
C CYS A 172 0.23 5.19 2.30
N ASP A 173 1.49 4.87 2.05
CA ASP A 173 2.26 5.63 1.08
C ASP A 173 1.65 5.48 -0.31
N GLU A 174 2.08 6.35 -1.22
CA GLU A 174 1.61 6.28 -2.59
C GLU A 174 1.92 4.91 -3.18
N ASN A 175 0.96 4.39 -3.95
CA ASN A 175 0.99 3.08 -4.60
C ASN A 175 0.91 1.92 -3.61
N TYR A 176 0.55 2.18 -2.36
CA TYR A 176 0.27 1.13 -1.39
C TYR A 176 -1.19 1.19 -0.99
N TYR A 177 -1.77 0.01 -0.75
CA TYR A 177 -3.22 -0.09 -0.57
C TYR A 177 -3.53 -1.13 0.50
N SER A 178 -4.83 -1.38 0.70
CA SER A 178 -5.40 -2.38 1.59
C SER A 178 -5.27 -1.98 3.07
N ALA A 179 -5.95 -2.73 3.94
CA ALA A 179 -5.98 -2.41 5.36
C ALA A 179 -4.63 -2.57 6.04
N THR A 180 -3.72 -3.32 5.43
CA THR A 180 -2.38 -3.52 5.97
C THR A 180 -1.37 -2.55 5.37
N CYS A 181 -1.78 -1.71 4.42
CA CYS A 181 -0.87 -0.84 3.65
C CYS A 181 0.25 -1.65 3.00
N ASN A 182 -0.03 -2.92 2.69
CA ASN A 182 0.98 -3.83 2.19
C ASN A 182 0.75 -4.24 0.73
N LYS A 183 -0.39 -3.88 0.16
CA LYS A 183 -0.72 -4.22 -1.22
C LYS A 183 -0.17 -3.14 -2.14
N PHE A 184 0.70 -3.53 -3.06
CA PHE A 184 1.46 -2.59 -3.89
C PHE A 184 0.93 -2.60 -5.33
N CYS A 185 0.79 -1.40 -5.90
CA CYS A 185 0.37 -1.25 -7.29
C CYS A 185 0.87 0.10 -7.78
N ARG A 186 1.84 0.09 -8.69
CA ARG A 186 2.24 1.29 -9.40
C ARG A 186 1.89 1.14 -10.88
N PRO A 187 1.21 2.12 -11.47
CA PRO A 187 0.85 2.00 -12.90
C PRO A 187 2.07 1.82 -13.77
N ARG A 188 1.87 1.13 -14.88
CA ARG A 188 2.99 0.69 -15.72
C ARG A 188 2.51 0.48 -17.14
N ASN A 189 3.33 0.90 -18.11
CA ASN A 189 3.07 0.71 -19.53
C ASN A 189 4.42 0.58 -20.23
N ASP A 190 5.07 -0.58 -20.03
CA ASP A 190 6.37 -0.80 -20.67
C ASP A 190 6.63 -2.28 -20.96
N PHE A 191 7.91 -2.65 -20.93
CA PHE A 191 8.34 -3.98 -21.31
C PHE A 191 7.72 -5.08 -20.46
N PHE A 192 7.24 -4.77 -19.25
CA PHE A 192 6.80 -5.79 -18.31
C PHE A 192 5.30 -5.82 -18.05
N GLY A 193 4.52 -4.87 -18.58
CA GLY A 193 3.11 -4.87 -18.29
C GLY A 193 2.39 -3.60 -18.72
N HIS A 194 1.06 -3.68 -18.89
CA HIS A 194 0.28 -2.55 -19.40
C HIS A 194 -1.02 -2.49 -18.61
N TYR A 195 -1.05 -1.64 -17.59
CA TYR A 195 -2.19 -1.57 -16.68
C TYR A 195 -2.11 -0.28 -15.87
N THR A 196 -3.28 0.13 -15.36
CA THR A 196 -3.38 1.13 -14.32
C THR A 196 -3.82 0.45 -13.03
N CYS A 197 -4.05 1.24 -11.98
CA CYS A 197 -4.50 0.73 -10.69
C CYS A 197 -5.85 1.32 -10.35
N ASP A 198 -6.72 0.50 -9.73
CA ASP A 198 -8.03 0.98 -9.32
C ASP A 198 -7.97 1.49 -7.88
N GLN A 199 -9.14 1.76 -7.29
CA GLN A 199 -9.18 2.33 -5.94
C GLN A 199 -8.45 1.46 -4.93
N TYR A 200 -8.51 0.15 -5.09
CA TYR A 200 -8.07 -0.78 -4.05
C TYR A 200 -6.78 -1.50 -4.40
N GLY A 201 -6.02 -1.02 -5.38
CA GLY A 201 -4.75 -1.63 -5.71
C GLY A 201 -4.81 -2.78 -6.68
N ASN A 202 -5.94 -2.98 -7.36
CA ASN A 202 -6.05 -4.03 -8.36
C ASN A 202 -5.52 -3.53 -9.70
N LYS A 203 -4.80 -4.39 -10.40
CA LYS A 203 -4.34 -4.06 -11.74
C LYS A 203 -5.51 -4.04 -12.70
N ALA A 204 -5.66 -2.94 -13.44
CA ALA A 204 -6.66 -2.82 -14.49
C ALA A 204 -5.92 -2.76 -15.82
N CYS A 205 -5.93 -3.87 -16.55
CA CYS A 205 -5.19 -3.94 -17.81
C CYS A 205 -5.65 -2.85 -18.77
N MET A 206 -4.70 -2.30 -19.52
CA MET A 206 -5.03 -1.29 -20.51
C MET A 206 -5.70 -1.95 -21.72
N ASP A 207 -6.38 -1.12 -22.50
CA ASP A 207 -7.12 -1.56 -23.69
C ASP A 207 -6.27 -2.44 -24.59
N GLY A 208 -6.60 -3.73 -24.65
CA GLY A 208 -5.91 -4.66 -25.52
C GLY A 208 -5.04 -5.68 -24.82
N TRP A 209 -5.03 -5.73 -23.48
CA TRP A 209 -4.16 -6.63 -22.75
C TRP A 209 -4.97 -7.42 -21.74
N MET A 210 -4.44 -8.58 -21.37
CA MET A 210 -5.11 -9.48 -20.44
C MET A 210 -4.05 -10.25 -19.65
N GLY A 211 -4.51 -11.07 -18.72
CA GLY A 211 -3.63 -11.81 -17.84
C GLY A 211 -3.52 -11.18 -16.47
N LYS A 212 -2.99 -11.96 -15.52
CA LYS A 212 -2.90 -11.49 -14.15
C LYS A 212 -1.97 -10.29 -14.02
N GLU A 213 -0.89 -10.26 -14.80
CA GLU A 213 0.06 -9.16 -14.77
C GLU A 213 -0.07 -8.24 -15.99
N CYS A 214 -1.10 -8.43 -16.81
CA CYS A 214 -1.41 -7.56 -17.95
C CYS A 214 -0.25 -7.45 -18.93
N LYS A 215 0.54 -8.52 -19.08
CA LYS A 215 1.61 -8.55 -20.07
C LYS A 215 1.30 -9.49 -21.23
N GLU A 216 0.04 -9.90 -21.38
CA GLU A 216 -0.40 -10.85 -22.39
C GLU A 216 -1.44 -10.18 -23.28
N ALA A 217 -1.21 -10.21 -24.58
CA ALA A 217 -1.96 -9.39 -25.51
C ALA A 217 -3.17 -10.11 -26.08
N VAL A 218 -4.24 -9.35 -26.32
CA VAL A 218 -5.45 -9.87 -26.94
C VAL A 218 -5.27 -9.84 -28.45
N CYS A 219 -5.19 -11.02 -29.06
CA CYS A 219 -5.00 -11.09 -30.49
C CYS A 219 -6.30 -10.71 -31.22
N LYS A 220 -6.18 -10.38 -32.51
CA LYS A 220 -7.34 -9.94 -33.27
C LYS A 220 -8.43 -10.99 -33.24
N GLN A 221 -9.68 -10.54 -33.34
CA GLN A 221 -10.81 -11.41 -33.10
C GLN A 221 -11.06 -12.32 -34.30
N GLY A 222 -11.44 -13.55 -34.01
CA GLY A 222 -11.48 -14.61 -34.98
C GLY A 222 -10.23 -15.47 -35.00
N CYS A 223 -9.11 -14.93 -34.54
CA CYS A 223 -7.86 -15.71 -34.51
C CYS A 223 -7.98 -16.97 -33.67
N ASN A 224 -8.03 -18.12 -34.36
CA ASN A 224 -7.96 -19.42 -33.72
C ASN A 224 -6.65 -19.47 -32.93
N LEU A 225 -6.74 -19.37 -31.60
CA LEU A 225 -5.55 -19.33 -30.77
C LEU A 225 -4.96 -20.71 -30.51
N LEU A 226 -5.52 -21.77 -31.10
CA LEU A 226 -4.81 -23.05 -31.11
C LEU A 226 -3.57 -22.96 -31.99
N HIS A 227 -3.67 -22.26 -33.12
CA HIS A 227 -2.58 -22.16 -34.07
C HIS A 227 -2.12 -20.73 -34.29
N GLY A 228 -2.54 -19.79 -33.43
CA GLY A 228 -2.15 -18.41 -33.58
C GLY A 228 -1.53 -17.86 -32.30
N GLY A 229 -1.06 -16.62 -32.40
CA GLY A 229 -0.47 -15.93 -31.27
C GLY A 229 -0.18 -14.50 -31.65
N CYS A 230 0.25 -13.72 -30.66
CA CYS A 230 0.54 -12.31 -30.90
C CYS A 230 1.40 -11.73 -29.78
N THR A 231 2.33 -10.85 -30.16
CA THR A 231 3.05 -10.01 -29.21
C THR A 231 2.42 -8.64 -29.05
N VAL A 232 1.58 -8.22 -29.99
CA VAL A 232 1.02 -6.88 -30.04
C VAL A 232 -0.50 -7.02 -30.17
N PRO A 233 -1.29 -6.19 -29.48
CA PRO A 233 -2.75 -6.33 -29.57
C PRO A 233 -3.25 -6.21 -31.00
N GLY A 234 -4.21 -7.07 -31.34
CA GLY A 234 -4.80 -7.06 -32.66
C GLY A 234 -4.05 -7.80 -33.73
N GLU A 235 -3.00 -8.54 -33.37
CA GLU A 235 -2.18 -9.30 -34.30
C GLU A 235 -2.48 -10.78 -34.14
N CYS A 236 -2.17 -11.54 -35.19
CA CYS A 236 -2.32 -13.00 -35.15
C CYS A 236 -1.40 -13.57 -36.23
N ARG A 237 -0.25 -14.08 -35.82
CA ARG A 237 0.65 -14.82 -36.70
C ARG A 237 0.57 -16.30 -36.37
N CYS A 238 0.73 -17.13 -37.40
CA CYS A 238 0.37 -18.53 -37.30
C CYS A 238 1.55 -19.40 -36.92
N SER A 239 1.24 -20.56 -36.34
CA SER A 239 2.26 -21.55 -36.03
C SER A 239 2.78 -22.18 -37.31
N TYR A 240 3.84 -22.97 -37.17
CA TYR A 240 4.43 -23.65 -38.33
C TYR A 240 3.44 -24.66 -38.91
N GLY A 241 3.00 -24.41 -40.13
CA GLY A 241 2.04 -25.28 -40.80
C GLY A 241 0.66 -24.69 -40.99
N TRP A 242 0.41 -23.48 -40.49
CA TRP A 242 -0.88 -22.83 -40.64
C TRP A 242 -0.69 -21.44 -41.26
N GLN A 243 -1.77 -20.90 -41.78
CA GLN A 243 -1.73 -19.64 -42.51
C GLN A 243 -3.13 -19.02 -42.49
N GLY A 244 -3.26 -17.89 -43.18
CA GLY A 244 -4.52 -17.18 -43.26
C GLY A 244 -4.56 -16.00 -42.31
N ARG A 245 -5.65 -15.24 -42.44
CA ARG A 245 -5.84 -14.06 -41.59
C ARG A 245 -6.13 -14.47 -40.15
N PHE A 246 -7.03 -15.42 -39.96
CA PHE A 246 -7.35 -15.94 -38.63
C PHE A 246 -6.54 -17.18 -38.26
N CYS A 247 -5.54 -17.53 -39.08
CA CYS A 247 -4.72 -18.73 -38.86
C CYS A 247 -5.57 -19.99 -38.73
N ASP A 248 -6.69 -20.04 -39.44
CA ASP A 248 -7.59 -21.19 -39.41
C ASP A 248 -7.47 -22.05 -40.66
N GLU A 249 -6.49 -21.78 -41.52
CA GLU A 249 -6.33 -22.46 -42.79
C GLU A 249 -4.93 -23.10 -42.83
N CYS A 250 -4.87 -24.34 -43.29
CA CYS A 250 -3.61 -25.09 -43.22
C CYS A 250 -2.81 -24.97 -44.50
N VAL A 251 -1.54 -25.32 -44.40
CA VAL A 251 -0.56 -25.17 -45.49
C VAL A 251 -0.45 -26.49 -46.21
N PRO A 252 -0.80 -26.58 -47.50
CA PRO A 252 -0.66 -27.83 -48.23
C PRO A 252 0.79 -28.19 -48.47
N TYR A 253 1.02 -29.46 -48.78
CA TYR A 253 2.34 -29.92 -49.16
C TYR A 253 2.84 -29.11 -50.36
N PRO A 254 4.03 -28.51 -50.28
CA PRO A 254 4.50 -27.66 -51.38
C PRO A 254 4.43 -28.37 -52.73
N GLY A 255 3.87 -27.67 -53.71
CA GLY A 255 3.71 -28.22 -55.05
C GLY A 255 2.37 -28.87 -55.32
N CYS A 256 1.52 -29.01 -54.30
CA CYS A 256 0.23 -29.67 -54.48
C CYS A 256 -0.61 -28.93 -55.51
N VAL A 257 -1.12 -29.68 -56.50
CA VAL A 257 -1.89 -29.09 -57.58
C VAL A 257 -3.38 -29.39 -57.35
N HIS A 258 -3.87 -30.49 -57.90
CA HIS A 258 -5.28 -30.83 -57.77
C HIS A 258 -5.53 -31.57 -56.45
N GLY A 259 -5.03 -31.01 -55.35
CA GLY A 259 -5.28 -31.57 -54.04
C GLY A 259 -5.56 -30.47 -53.04
N SER A 260 -5.97 -30.88 -51.84
CA SER A 260 -6.37 -29.92 -50.81
C SER A 260 -5.77 -30.34 -49.47
N CYS A 261 -5.99 -29.51 -48.46
CA CYS A 261 -5.41 -29.69 -47.13
C CYS A 261 -6.52 -29.77 -46.08
N VAL A 262 -6.28 -30.56 -45.04
CA VAL A 262 -7.13 -30.61 -43.86
C VAL A 262 -6.25 -30.38 -42.64
N GLU A 263 -5.27 -31.25 -42.44
CA GLU A 263 -4.18 -31.03 -41.52
C GLU A 263 -2.93 -30.64 -42.30
N PRO A 264 -2.01 -29.88 -41.70
CA PRO A 264 -0.88 -29.35 -42.47
C PRO A 264 -0.11 -30.42 -43.20
N TRP A 265 0.44 -30.04 -44.36
CA TRP A 265 1.38 -30.83 -45.15
C TRP A 265 0.71 -32.00 -45.88
N GLN A 266 -0.61 -31.99 -45.99
CA GLN A 266 -1.33 -32.99 -46.76
C GLN A 266 -1.46 -32.55 -48.21
N CYS A 267 -1.79 -33.52 -49.08
CA CYS A 267 -2.10 -33.28 -50.48
C CYS A 267 -3.09 -34.38 -50.89
N ASN A 268 -4.34 -34.19 -50.48
CA ASN A 268 -5.40 -35.17 -50.74
C ASN A 268 -6.05 -34.86 -52.09
N CYS A 269 -5.94 -35.81 -53.01
CA CYS A 269 -6.24 -35.52 -54.42
C CYS A 269 -7.74 -35.46 -54.67
N GLU A 270 -8.10 -34.70 -55.70
CA GLU A 270 -9.43 -34.79 -56.26
C GLU A 270 -9.57 -36.10 -57.05
N THR A 271 -10.80 -36.44 -57.39
CA THR A 271 -11.05 -37.68 -58.11
C THR A 271 -10.37 -37.65 -59.47
N ASN A 272 -9.85 -38.81 -59.88
CA ASN A 272 -9.15 -39.03 -61.14
C ASN A 272 -7.82 -38.28 -61.21
N TRP A 273 -7.29 -37.81 -60.08
CA TRP A 273 -5.97 -37.22 -59.99
C TRP A 273 -5.13 -38.01 -58.99
N GLY A 274 -3.86 -38.21 -59.31
CA GLY A 274 -2.97 -38.99 -58.47
C GLY A 274 -1.57 -38.41 -58.44
N GLY A 275 -0.69 -39.09 -57.74
CA GLY A 275 0.66 -38.65 -57.51
C GLY A 275 0.83 -38.03 -56.13
N LEU A 276 2.10 -37.80 -55.78
CA LEU A 276 2.41 -37.16 -54.51
C LEU A 276 1.83 -35.74 -54.46
N LEU A 277 1.85 -35.05 -55.59
CA LEU A 277 1.35 -33.67 -55.68
C LEU A 277 -0.01 -33.58 -56.34
N CYS A 278 -0.69 -34.71 -56.55
CA CYS A 278 -1.98 -34.76 -57.23
C CYS A 278 -1.90 -34.08 -58.59
N ASP A 279 -0.91 -34.50 -59.39
CA ASP A 279 -0.67 -33.94 -60.70
C ASP A 279 -0.71 -34.96 -61.82
N LYS A 280 -0.98 -36.23 -61.51
CA LYS A 280 -1.00 -37.29 -62.51
C LYS A 280 -2.45 -37.55 -62.92
N ASP A 281 -2.73 -37.39 -64.21
CA ASP A 281 -4.08 -37.64 -64.72
C ASP A 281 -4.34 -39.14 -64.78
N LEU A 282 -5.38 -39.59 -64.08
CA LEU A 282 -5.69 -41.01 -63.96
C LEU A 282 -6.73 -41.50 -64.95
N ASN A 283 -7.28 -40.61 -65.78
CA ASN A 283 -8.32 -41.00 -66.73
C ASN A 283 -7.72 -41.55 -68.02
C1 NAG B . 20.91 26.09 29.34
C2 NAG B . 22.27 26.51 29.91
C3 NAG B . 22.68 27.88 29.37
C4 NAG B . 22.12 28.08 27.97
C5 NAG B . 20.60 28.13 28.01
C6 NAG B . 19.95 27.68 26.73
C7 NAG B . 22.82 25.56 32.10
C8 NAG B . 23.50 24.46 31.36
N2 NAG B . 22.26 26.52 31.36
O3 NAG B . 24.10 27.99 29.36
O4 NAG B . 22.62 29.28 27.41
O5 NAG B . 20.11 27.26 29.06
O6 NAG B . 18.54 27.69 26.84
O7 NAG B . 22.79 25.60 33.33
CA CA C . 10.33 26.63 32.34
CA CA D . 11.60 22.88 32.79
CA CA E . 12.02 20.93 35.58
#